data_4XTZ
#
_entry.id   4XTZ
#
_cell.length_a   63.449
_cell.length_b   68.875
_cell.length_c   115.581
_cell.angle_alpha   90.0
_cell.angle_beta   90.0
_cell.angle_gamma   90.0
#
_symmetry.space_group_name_H-M   'P 21 21 21'
#
loop_
_entity.id
_entity.type
_entity.pdbx_description
1 polymer 'Bifunctional ligase/repressor BirA'
2 non-polymer 9-[2-deoxy-2-fluoro-5-O-({5-[(3aS,4S,6aR)-2-oxohexahydro-1H-thieno[3,4-d]imidazol-4-yl]pentanoyl}sulfamoyl)-beta-D-arabinofuranosyl]-9H-purin-6-amine
3 water water
#
_entity_poly.entity_id   1
_entity_poly.type   'polypeptide(L)'
_entity_poly.pdbx_seq_one_letter_code
;GSHMVTDRDRLRPPLDERSLRDQLIGAGSGWRQLDVVAQTGSTNADLLARAASGADIDGVVLIAEHQTAGRGRHGRGWAA
TARAQIILSVGVRVVDVPVQAWGWLSLAAGLAVLDSVAPLIAVPPAETGLKWPNDVLARGGKLAGILAEVAQPFVVLGVG
LNVTQAPEEVDPDATSLLDLGVAAPDRNRIASRLLRELEARIIQWRNANPQLAADYRARSLTIGSRVRVELPGGQDVVGI
ARDIDDQGRLCLDVGGRTVVVSAGDVVHLR
;
_entity_poly.pdbx_strand_id   A,B
#
loop_
_chem_comp.id
_chem_comp.type
_chem_comp.name
_chem_comp.formula
594 non-polymer 9-[2-deoxy-2-fluoro-5-O-({5-[(3aS,4S,6aR)-2-oxohexahydro-1H-thieno[3,4-d]imidazol-4-yl]pentanoyl}sulfamoyl)-beta-D-arabinofuranosyl]-9H-purin-6-amine 'C20 H27 F N8 O7 S2'
#
# COMPACT_ATOMS: atom_id res chain seq x y z
N VAL A 5 -19.54 15.76 35.59
CA VAL A 5 -19.95 15.99 36.97
C VAL A 5 -21.34 16.63 36.95
N THR A 6 -21.95 16.78 38.12
CA THR A 6 -23.28 17.37 38.24
C THR A 6 -23.33 18.82 37.78
N ASP A 7 -22.21 19.53 37.93
CA ASP A 7 -22.15 20.93 37.55
C ASP A 7 -22.16 21.11 36.03
N ARG A 8 -21.63 20.14 35.31
CA ARG A 8 -21.57 20.22 33.85
C ARG A 8 -22.96 20.07 33.25
N ASP A 9 -23.89 19.50 34.02
CA ASP A 9 -25.27 19.34 33.57
C ASP A 9 -25.91 20.71 33.30
N ARG A 10 -25.50 21.71 34.07
CA ARG A 10 -26.01 23.07 33.89
C ARG A 10 -25.48 23.67 32.60
N LEU A 11 -24.46 23.04 32.03
CA LEU A 11 -23.87 23.48 30.78
C LEU A 11 -24.36 22.63 29.62
N ARG A 12 -25.42 21.86 29.87
CA ARG A 12 -25.93 20.93 28.87
C ARG A 12 -27.43 21.08 28.62
N PRO A 13 -27.86 22.20 28.03
CA PRO A 13 -29.26 22.35 27.64
C PRO A 13 -29.61 21.43 26.49
N PRO A 14 -30.92 21.14 26.30
CA PRO A 14 -31.33 20.27 25.19
C PRO A 14 -31.06 20.88 23.83
N LEU A 15 -30.95 20.04 22.80
CA LEU A 15 -30.87 20.51 21.43
C LEU A 15 -32.22 21.05 21.00
N ASP A 16 -32.21 21.96 20.02
CA ASP A 16 -33.44 22.53 19.48
C ASP A 16 -33.69 21.95 18.09
N GLU A 17 -34.48 20.88 18.03
CA GLU A 17 -34.76 20.20 16.77
C GLU A 17 -35.45 21.11 15.76
N ARG A 18 -36.41 21.89 16.24
CA ARG A 18 -37.14 22.83 15.39
C ARG A 18 -36.19 23.80 14.70
N SER A 19 -35.29 24.39 15.48
CA SER A 19 -34.33 25.36 14.94
C SER A 19 -33.36 24.73 13.95
N LEU A 20 -32.84 23.55 14.28
CA LEU A 20 -31.92 22.85 13.40
C LEU A 20 -32.56 22.57 12.04
N ARG A 21 -33.82 22.13 12.07
CA ARG A 21 -34.56 21.86 10.84
C ARG A 21 -34.72 23.13 10.01
N ASP A 22 -35.07 24.22 10.67
CA ASP A 22 -35.24 25.51 10.02
C ASP A 22 -33.96 25.95 9.31
N GLN A 23 -32.82 25.73 9.95
CA GLN A 23 -31.54 26.16 9.41
C GLN A 23 -31.02 25.23 8.32
N LEU A 24 -31.28 23.94 8.47
CA LEU A 24 -30.56 22.95 7.68
C LEU A 24 -31.41 22.26 6.60
N ILE A 25 -32.72 22.40 6.68
CA ILE A 25 -33.58 21.82 5.66
C ILE A 25 -34.32 22.91 4.90
N GLY A 26 -34.12 22.91 3.58
CA GLY A 26 -34.71 23.93 2.72
C GLY A 26 -33.83 24.16 1.51
N ALA A 27 -34.12 25.23 0.77
CA ALA A 27 -33.37 25.55 -0.43
C ALA A 27 -31.91 25.87 -0.08
N GLY A 28 -31.00 25.39 -0.93
CA GLY A 28 -29.57 25.63 -0.72
C GLY A 28 -28.91 24.57 0.13
N SER A 29 -29.71 23.69 0.72
CA SER A 29 -29.19 22.62 1.56
C SER A 29 -29.55 21.24 1.02
N GLY A 30 -28.64 20.28 1.20
CA GLY A 30 -28.86 18.93 0.71
C GLY A 30 -29.50 18.01 1.72
N TRP A 31 -29.61 18.46 2.97
CA TRP A 31 -30.21 17.65 4.02
C TRP A 31 -31.72 17.56 3.83
N ARG A 32 -32.25 16.35 3.79
CA ARG A 32 -33.66 16.14 3.48
C ARG A 32 -34.51 15.89 4.73
N GLN A 33 -33.87 15.40 5.78
CA GLN A 33 -34.58 15.02 7.00
C GLN A 33 -33.67 15.11 8.21
N LEU A 34 -34.20 15.65 9.31
CA LEU A 34 -33.44 15.74 10.55
C LEU A 34 -34.32 15.40 11.73
N ASP A 35 -33.86 14.46 12.55
CA ASP A 35 -34.55 14.10 13.78
C ASP A 35 -33.61 14.10 14.97
N VAL A 36 -34.09 14.64 16.08
CA VAL A 36 -33.39 14.52 17.35
C VAL A 36 -34.14 13.55 18.24
N VAL A 37 -33.48 12.48 18.66
CA VAL A 37 -34.08 11.52 19.57
C VAL A 37 -33.47 11.64 20.96
N ALA A 38 -34.29 11.40 21.98
CA ALA A 38 -33.83 11.51 23.35
C ALA A 38 -32.72 10.49 23.64
N GLN A 39 -32.88 9.30 23.09
CA GLN A 39 -31.99 8.19 23.42
C GLN A 39 -32.08 7.06 22.40
N THR A 40 -30.96 6.41 22.13
CA THR A 40 -30.93 5.22 21.30
C THR A 40 -29.70 4.39 21.61
N GLY A 41 -29.67 3.16 21.10
CA GLY A 41 -28.50 2.30 21.24
C GLY A 41 -27.34 2.81 20.41
N SER A 42 -27.60 3.06 19.13
CA SER A 42 -26.57 3.54 18.21
C SER A 42 -27.21 4.21 17.00
N THR A 43 -26.89 5.49 16.78
CA THR A 43 -27.45 6.23 15.66
C THR A 43 -27.05 5.59 14.34
N ASN A 44 -25.85 5.03 14.29
CA ASN A 44 -25.38 4.33 13.10
C ASN A 44 -26.23 3.10 12.82
N ALA A 45 -26.46 2.31 13.86
CA ALA A 45 -27.29 1.12 13.74
C ALA A 45 -28.70 1.46 13.28
N ASP A 46 -29.23 2.57 13.78
CA ASP A 46 -30.59 3.00 13.45
C ASP A 46 -30.74 3.35 11.97
N LEU A 47 -29.80 4.11 11.42
CA LEU A 47 -29.87 4.49 10.01
C LEU A 47 -29.59 3.30 9.11
N LEU A 48 -28.72 2.40 9.56
CA LEU A 48 -28.45 1.16 8.84
C LEU A 48 -29.72 0.32 8.78
N ALA A 49 -30.46 0.29 9.88
CA ALA A 49 -31.70 -0.47 9.97
C ALA A 49 -32.76 0.10 9.03
N ARG A 50 -32.86 1.43 8.97
CA ARG A 50 -33.79 2.10 8.07
C ARG A 50 -33.49 1.72 6.62
N ALA A 51 -32.22 1.77 6.25
CA ALA A 51 -31.80 1.44 4.89
C ALA A 51 -32.10 -0.03 4.58
N ALA A 52 -31.96 -0.88 5.58
CA ALA A 52 -32.17 -2.31 5.41
C ALA A 52 -33.64 -2.63 5.15
N SER A 53 -34.52 -1.71 5.56
CA SER A 53 -35.96 -1.91 5.36
C SER A 53 -36.48 -1.11 4.17
N GLY A 54 -35.57 -0.59 3.35
CA GLY A 54 -35.93 0.03 2.08
C GLY A 54 -35.96 1.54 2.06
N ALA A 55 -35.60 2.18 3.16
CA ALA A 55 -35.66 3.64 3.25
C ALA A 55 -34.52 4.29 2.46
N ASP A 56 -34.82 5.42 1.83
CA ASP A 56 -33.80 6.24 1.19
C ASP A 56 -33.20 7.16 2.23
N ILE A 57 -31.98 6.88 2.67
CA ILE A 57 -31.37 7.62 3.77
C ILE A 57 -30.38 8.67 3.32
N ASP A 58 -30.28 8.89 2.00
CA ASP A 58 -29.40 9.92 1.49
C ASP A 58 -29.84 11.30 1.98
N GLY A 59 -28.92 12.01 2.63
CA GLY A 59 -29.23 13.34 3.14
C GLY A 59 -30.10 13.31 4.39
N VAL A 60 -30.17 12.14 5.03
CA VAL A 60 -30.96 11.99 6.25
C VAL A 60 -30.05 12.11 7.48
N VAL A 61 -30.50 12.91 8.45
CA VAL A 61 -29.71 13.17 9.65
C VAL A 61 -30.42 12.64 10.90
N LEU A 62 -29.69 11.88 11.71
CA LEU A 62 -30.22 11.43 13.00
C LEU A 62 -29.29 11.84 14.13
N ILE A 63 -29.81 12.62 15.07
CA ILE A 63 -29.04 13.07 16.23
C ILE A 63 -29.65 12.51 17.51
N ALA A 64 -28.80 12.00 18.40
CA ALA A 64 -29.26 11.49 19.68
C ALA A 64 -28.68 12.28 20.84
N GLU A 65 -29.53 12.65 21.79
CA GLU A 65 -29.09 13.33 23.00
C GLU A 65 -28.23 12.40 23.84
N HIS A 66 -28.57 11.11 23.82
CA HIS A 66 -27.85 10.11 24.57
C HIS A 66 -27.76 8.82 23.76
N GLN A 67 -26.64 8.11 23.91
CA GLN A 67 -26.39 6.88 23.17
C GLN A 67 -25.88 5.82 24.13
N THR A 68 -26.59 4.70 24.24
CA THR A 68 -26.33 3.72 25.30
C THR A 68 -25.51 2.51 24.86
N ALA A 69 -25.43 2.27 23.56
CA ALA A 69 -24.63 1.17 23.03
C ALA A 69 -23.81 1.63 21.84
N GLY A 70 -23.08 2.72 22.02
CA GLY A 70 -22.29 3.33 20.96
C GLY A 70 -21.27 2.38 20.36
N ARG A 71 -21.01 2.55 19.06
CA ARG A 71 -20.11 1.67 18.35
C ARG A 71 -18.85 2.41 17.89
N GLY A 72 -17.71 1.78 18.09
CA GLY A 72 -16.45 2.28 17.56
C GLY A 72 -16.00 1.43 16.39
N ARG A 73 -14.81 1.71 15.88
CA ARG A 73 -14.26 0.93 14.79
C ARG A 73 -13.75 -0.42 15.30
N HIS A 74 -13.67 -1.39 14.40
CA HIS A 74 -13.10 -2.70 14.69
C HIS A 74 -13.78 -3.41 15.86
N GLY A 75 -15.08 -3.19 16.02
CA GLY A 75 -15.84 -3.85 17.05
C GLY A 75 -15.72 -3.23 18.43
N ARG A 76 -15.05 -2.09 18.52
CA ARG A 76 -14.91 -1.40 19.81
C ARG A 76 -16.17 -0.60 20.14
N GLY A 77 -16.16 0.07 21.29
CA GLY A 77 -17.32 0.80 21.73
C GLY A 77 -17.16 2.31 21.69
N TRP A 78 -18.24 3.02 21.97
CA TRP A 78 -18.21 4.47 22.13
C TRP A 78 -19.06 4.85 23.32
N ALA A 79 -18.45 5.54 24.29
CA ALA A 79 -19.13 5.88 25.52
C ALA A 79 -19.69 7.30 25.49
N ALA A 80 -20.80 7.51 26.18
CA ALA A 80 -21.44 8.82 26.21
C ALA A 80 -22.34 8.98 27.42
N THR A 81 -22.51 10.22 27.87
CA THR A 81 -23.55 10.56 28.83
C THR A 81 -24.48 11.56 28.17
N ALA A 82 -25.68 11.71 28.74
CA ALA A 82 -26.73 12.52 28.12
C ALA A 82 -26.31 13.97 27.90
N ARG A 83 -26.51 14.45 26.67
CA ARG A 83 -26.36 15.86 26.30
C ARG A 83 -24.93 16.39 26.41
N ALA A 84 -23.97 15.48 26.56
CA ALA A 84 -22.57 15.88 26.71
C ALA A 84 -21.84 15.90 25.37
N GLN A 85 -22.44 15.28 24.36
CA GLN A 85 -21.84 15.20 23.04
C GLN A 85 -22.80 15.65 21.96
N ILE A 86 -22.24 15.90 20.78
CA ILE A 86 -23.04 15.89 19.57
C ILE A 86 -22.88 14.49 18.98
N ILE A 87 -23.98 13.74 18.99
CA ILE A 87 -23.99 12.36 18.53
C ILE A 87 -24.90 12.23 17.32
N LEU A 88 -24.32 12.05 16.14
CA LEU A 88 -25.16 11.99 14.95
C LEU A 88 -24.67 11.03 13.88
N SER A 89 -25.61 10.60 13.05
CA SER A 89 -25.31 9.80 11.87
C SER A 89 -26.00 10.43 10.67
N VAL A 90 -25.35 10.37 9.52
CA VAL A 90 -25.95 10.83 8.27
C VAL A 90 -25.85 9.75 7.20
N GLY A 91 -26.80 9.73 6.28
CA GLY A 91 -26.79 8.78 5.19
C GLY A 91 -26.24 9.39 3.92
N VAL A 92 -25.42 8.63 3.20
CA VAL A 92 -24.80 9.10 1.98
C VAL A 92 -24.89 8.06 0.86
N ARG A 93 -25.55 8.41 -0.24
CA ARG A 93 -25.56 7.53 -1.40
C ARG A 93 -24.18 7.52 -2.04
N VAL A 94 -23.60 6.33 -2.21
CA VAL A 94 -22.22 6.21 -2.66
C VAL A 94 -22.05 5.35 -3.91
N VAL A 95 -23.12 4.69 -4.33
CA VAL A 95 -23.05 3.71 -5.42
C VAL A 95 -22.62 4.35 -6.74
N ASP A 96 -22.81 5.66 -6.86
CA ASP A 96 -22.41 6.40 -8.06
C ASP A 96 -20.90 6.65 -8.10
N VAL A 97 -20.22 6.37 -6.98
CA VAL A 97 -18.79 6.61 -6.87
C VAL A 97 -18.04 5.28 -6.81
N PRO A 98 -16.92 5.17 -7.55
CA PRO A 98 -16.08 3.97 -7.51
C PRO A 98 -15.71 3.56 -6.09
N VAL A 99 -15.74 2.27 -5.81
CA VAL A 99 -15.54 1.74 -4.46
C VAL A 99 -14.17 2.10 -3.89
N GLN A 100 -13.17 2.22 -4.77
CA GLN A 100 -11.81 2.55 -4.34
C GLN A 100 -11.72 3.91 -3.65
N ALA A 101 -12.74 4.76 -3.86
CA ALA A 101 -12.71 6.13 -3.35
C ALA A 101 -13.49 6.30 -2.05
N TRP A 102 -14.21 5.26 -1.65
CA TRP A 102 -15.11 5.35 -0.49
C TRP A 102 -14.37 5.65 0.81
N GLY A 103 -13.10 5.25 0.89
CA GLY A 103 -12.31 5.47 2.09
C GLY A 103 -12.13 6.94 2.40
N TRP A 104 -12.15 7.77 1.36
CA TRP A 104 -11.96 9.21 1.53
C TRP A 104 -13.17 9.88 2.17
N LEU A 105 -14.32 9.21 2.11
CA LEU A 105 -15.54 9.75 2.71
C LEU A 105 -15.38 9.90 4.22
N SER A 106 -14.76 8.91 4.84
CA SER A 106 -14.49 8.93 6.27
C SER A 106 -13.50 10.03 6.64
N LEU A 107 -12.50 10.22 5.79
CA LEU A 107 -11.49 11.25 6.02
C LEU A 107 -12.11 12.63 5.89
N ALA A 108 -13.02 12.77 4.93
CA ALA A 108 -13.70 14.04 4.69
C ALA A 108 -14.57 14.43 5.89
N ALA A 109 -15.14 13.43 6.54
CA ALA A 109 -16.02 13.66 7.68
C ALA A 109 -15.25 14.23 8.87
N GLY A 110 -14.05 13.69 9.12
CA GLY A 110 -13.21 14.16 10.20
C GLY A 110 -12.77 15.59 9.98
N LEU A 111 -12.47 15.90 8.72
CA LEU A 111 -12.08 17.25 8.33
C LEU A 111 -13.22 18.22 8.61
N ALA A 112 -14.44 17.81 8.28
CA ALA A 112 -15.63 18.63 8.52
C ALA A 112 -15.82 18.92 10.02
N VAL A 113 -15.67 17.88 10.84
CA VAL A 113 -15.82 18.05 12.28
C VAL A 113 -14.77 19.00 12.86
N LEU A 114 -13.51 18.81 12.43
CA LEU A 114 -12.43 19.66 12.90
C LEU A 114 -12.66 21.12 12.55
N ASP A 115 -13.01 21.38 11.29
CA ASP A 115 -13.25 22.74 10.83
C ASP A 115 -14.44 23.40 11.54
N SER A 116 -15.37 22.59 12.02
CA SER A 116 -16.57 23.13 12.66
C SER A 116 -16.31 23.66 14.07
N VAL A 117 -15.26 23.18 14.71
CA VAL A 117 -15.00 23.56 16.10
C VAL A 117 -13.66 24.25 16.32
N ALA A 118 -12.76 24.15 15.35
CA ALA A 118 -11.42 24.73 15.46
C ALA A 118 -11.40 26.21 15.87
N PRO A 119 -12.29 27.04 15.30
CA PRO A 119 -12.22 28.45 15.73
C PRO A 119 -12.72 28.71 17.15
N LEU A 120 -13.40 27.75 17.77
CA LEU A 120 -13.95 27.95 19.12
C LEU A 120 -12.86 28.00 20.17
N ILE A 121 -11.70 27.44 19.84
CA ILE A 121 -10.55 27.47 20.74
C ILE A 121 -9.78 28.78 20.59
N ALA A 122 -9.51 29.44 21.72
CA ALA A 122 -8.78 30.71 21.70
C ALA A 122 -7.35 30.50 21.19
N VAL A 123 -6.60 29.67 21.91
CA VAL A 123 -5.26 29.30 21.47
C VAL A 123 -5.22 27.83 21.09
N PRO A 124 -4.99 27.54 19.80
CA PRO A 124 -4.81 26.17 19.32
C PRO A 124 -3.59 25.52 19.99
N PRO A 125 -3.83 24.58 20.91
CA PRO A 125 -2.71 23.94 21.60
C PRO A 125 -1.95 23.00 20.66
N ALA A 126 -0.79 22.51 21.11
CA ALA A 126 0.00 21.59 20.31
C ALA A 126 -0.81 20.34 19.96
N GLU A 127 -0.55 19.80 18.77
CA GLU A 127 -1.24 18.60 18.28
C GLU A 127 -2.76 18.79 18.22
N THR A 128 -3.20 19.76 17.44
CA THR A 128 -4.62 19.93 17.13
C THR A 128 -4.86 19.71 15.64
N GLY A 129 -5.55 18.61 15.31
CA GLY A 129 -5.79 18.26 13.93
C GLY A 129 -6.33 16.86 13.77
N LEU A 130 -6.00 16.21 12.66
CA LEU A 130 -6.53 14.90 12.33
C LEU A 130 -5.49 13.80 12.47
N LYS A 131 -5.81 12.77 13.25
CA LYS A 131 -4.97 11.58 13.32
C LYS A 131 -5.58 10.51 12.43
N TRP A 132 -4.75 9.90 11.59
CA TRP A 132 -5.24 8.90 10.64
C TRP A 132 -5.81 7.69 11.37
N PRO A 133 -6.98 7.19 10.92
CA PRO A 133 -7.72 7.67 9.75
C PRO A 133 -8.36 9.06 9.94
N ASN A 134 -9.19 9.21 10.97
CA ASN A 134 -9.94 10.46 11.14
C ASN A 134 -10.33 10.83 12.56
N ASP A 135 -9.54 10.39 13.53
CA ASP A 135 -9.65 10.91 14.88
C ASP A 135 -9.45 12.42 14.86
N VAL A 136 -10.30 13.16 15.57
CA VAL A 136 -10.05 14.59 15.74
C VAL A 136 -9.35 14.79 17.07
N LEU A 137 -8.11 15.27 17.01
CA LEU A 137 -7.31 15.47 18.22
C LEU A 137 -7.12 16.95 18.53
N ALA A 138 -7.01 17.25 19.82
CA ALA A 138 -6.64 18.57 20.29
C ALA A 138 -5.89 18.41 21.61
N ARG A 139 -4.69 18.98 21.68
CA ARG A 139 -3.84 18.87 22.87
C ARG A 139 -3.56 17.39 23.19
N GLY A 140 -3.52 16.56 22.16
CA GLY A 140 -3.22 15.16 22.32
C GLY A 140 -4.42 14.30 22.68
N GLY A 141 -5.52 14.95 23.05
CA GLY A 141 -6.72 14.22 23.45
C GLY A 141 -7.68 14.00 22.30
N LYS A 142 -8.46 12.92 22.39
CA LYS A 142 -9.42 12.61 21.33
C LYS A 142 -10.71 13.38 21.52
N LEU A 143 -10.92 14.37 20.65
CA LEU A 143 -12.06 15.27 20.73
C LEU A 143 -13.28 14.68 20.03
N ALA A 144 -13.04 13.90 18.98
CA ALA A 144 -14.13 13.29 18.22
C ALA A 144 -13.69 12.00 17.53
N GLY A 145 -14.65 11.09 17.35
CA GLY A 145 -14.41 9.84 16.65
C GLY A 145 -15.46 9.64 15.57
N ILE A 146 -15.03 9.12 14.43
CA ILE A 146 -15.92 8.93 13.28
C ILE A 146 -15.99 7.47 12.87
N LEU A 147 -17.19 7.00 12.51
CA LEU A 147 -17.38 5.63 12.07
C LEU A 147 -18.20 5.57 10.78
N ALA A 148 -17.61 5.01 9.73
CA ALA A 148 -18.31 4.84 8.47
C ALA A 148 -18.70 3.37 8.26
N GLU A 149 -19.97 3.14 7.95
CA GLU A 149 -20.46 1.78 7.77
C GLU A 149 -21.28 1.65 6.48
N VAL A 150 -21.14 0.51 5.82
CA VAL A 150 -21.75 0.30 4.51
C VAL A 150 -23.13 -0.35 4.60
N ALA A 151 -24.07 0.20 3.84
CA ALA A 151 -25.36 -0.43 3.60
C ALA A 151 -25.83 -0.03 2.21
N GLN A 152 -25.36 -0.78 1.21
CA GLN A 152 -25.61 -0.48 -0.20
C GLN A 152 -27.06 -0.11 -0.49
N PRO A 153 -27.28 0.96 -1.25
CA PRO A 153 -26.25 1.77 -1.92
C PRO A 153 -25.71 2.92 -1.07
N PHE A 154 -25.76 2.79 0.25
CA PHE A 154 -25.40 3.89 1.13
C PHE A 154 -24.17 3.62 1.99
N VAL A 155 -23.57 4.70 2.46
CA VAL A 155 -22.65 4.67 3.58
C VAL A 155 -23.28 5.48 4.71
N VAL A 156 -23.23 4.96 5.93
CA VAL A 156 -23.68 5.72 7.09
C VAL A 156 -22.47 6.29 7.83
N LEU A 157 -22.39 7.62 7.90
CA LEU A 157 -21.31 8.29 8.60
C LEU A 157 -21.75 8.68 10.00
N GLY A 158 -21.01 8.23 11.01
CA GLY A 158 -21.34 8.55 12.38
C GLY A 158 -20.30 9.44 13.03
N VAL A 159 -20.77 10.46 13.75
CA VAL A 159 -19.89 11.38 14.44
C VAL A 159 -20.20 11.43 15.93
N GLY A 160 -19.16 11.25 16.75
CA GLY A 160 -19.27 11.46 18.18
C GLY A 160 -18.31 12.56 18.59
N LEU A 161 -18.85 13.73 18.92
CA LEU A 161 -18.02 14.88 19.24
C LEU A 161 -18.21 15.30 20.70
N ASN A 162 -17.12 15.28 21.47
CA ASN A 162 -17.18 15.64 22.88
C ASN A 162 -17.28 17.14 23.08
N VAL A 163 -18.43 17.60 23.55
CA VAL A 163 -18.66 19.03 23.74
C VAL A 163 -18.37 19.42 25.20
N THR A 164 -19.06 18.77 26.12
CA THR A 164 -18.82 18.98 27.55
C THR A 164 -18.51 17.67 28.25
N GLN A 165 -18.33 16.62 27.45
CA GLN A 165 -18.07 15.28 27.98
C GLN A 165 -16.75 15.22 28.75
N ALA A 166 -16.82 14.84 30.02
CA ALA A 166 -15.61 14.70 30.84
C ALA A 166 -14.88 13.41 30.49
N PRO A 167 -13.55 13.47 30.37
CA PRO A 167 -12.72 12.31 30.07
C PRO A 167 -12.94 11.17 31.08
N GLU A 168 -13.16 11.54 32.34
CA GLU A 168 -13.40 10.56 33.39
C GLU A 168 -14.68 9.77 33.15
N GLU A 169 -15.56 10.31 32.32
CA GLU A 169 -16.84 9.67 32.02
C GLU A 169 -16.74 8.65 30.89
N VAL A 170 -15.72 8.78 30.05
CA VAL A 170 -15.68 7.98 28.82
C VAL A 170 -14.35 7.30 28.52
N ASP A 171 -13.24 8.02 28.63
CA ASP A 171 -11.93 7.50 28.24
C ASP A 171 -10.80 8.41 28.71
N PRO A 172 -9.70 7.83 29.21
CA PRO A 172 -8.57 8.62 29.73
C PRO A 172 -7.82 9.42 28.66
N ASP A 173 -7.94 9.03 27.40
CA ASP A 173 -7.27 9.74 26.32
C ASP A 173 -8.21 10.73 25.62
N ALA A 174 -9.39 10.92 26.21
CA ALA A 174 -10.39 11.80 25.63
C ALA A 174 -10.21 13.26 26.06
N THR A 175 -10.80 14.16 25.29
CA THR A 175 -10.91 15.55 25.69
C THR A 175 -12.24 16.11 25.19
N SER A 176 -12.55 17.34 25.53
CA SER A 176 -13.79 17.99 25.07
C SER A 176 -13.54 19.47 24.88
N LEU A 177 -14.48 20.15 24.23
CA LEU A 177 -14.37 21.59 24.04
C LEU A 177 -14.29 22.30 25.38
N LEU A 178 -15.08 21.84 26.34
CA LEU A 178 -15.06 22.42 27.68
C LEU A 178 -13.69 22.23 28.33
N ASP A 179 -13.12 21.03 28.19
CA ASP A 179 -11.81 20.76 28.77
C ASP A 179 -10.68 21.37 27.95
N LEU A 180 -11.03 21.98 26.83
CA LEU A 180 -10.06 22.73 26.03
C LEU A 180 -10.16 24.22 26.31
N GLY A 181 -11.08 24.59 27.20
CA GLY A 181 -11.19 25.98 27.63
C GLY A 181 -12.43 26.70 27.15
N VAL A 182 -13.25 26.05 26.33
CA VAL A 182 -14.50 26.65 25.87
C VAL A 182 -15.54 26.58 26.99
N ALA A 183 -15.80 27.72 27.61
CA ALA A 183 -16.58 27.77 28.85
C ALA A 183 -18.04 27.37 28.68
N ALA A 184 -18.68 27.89 27.64
CA ALA A 184 -20.09 27.61 27.41
C ALA A 184 -20.38 27.28 25.95
N PRO A 185 -19.95 26.09 25.50
CA PRO A 185 -20.17 25.70 24.11
C PRO A 185 -21.66 25.49 23.81
N ASP A 186 -22.08 26.00 22.65
CA ASP A 186 -23.48 25.89 22.24
C ASP A 186 -23.65 24.77 21.22
N ARG A 187 -24.20 23.65 21.65
CA ARG A 187 -24.35 22.47 20.80
C ARG A 187 -25.23 22.74 19.58
N ASN A 188 -26.21 23.62 19.72
CA ASN A 188 -27.07 23.98 18.60
C ASN A 188 -26.28 24.66 17.50
N ARG A 189 -25.46 25.64 17.88
CA ARG A 189 -24.62 26.35 16.91
C ARG A 189 -23.57 25.41 16.31
N ILE A 190 -22.97 24.56 17.14
CA ILE A 190 -21.92 23.66 16.68
C ILE A 190 -22.48 22.59 15.74
N ALA A 191 -23.64 22.03 16.07
CA ALA A 191 -24.26 21.02 15.23
C ALA A 191 -24.62 21.58 13.86
N SER A 192 -25.08 22.83 13.84
CA SER A 192 -25.43 23.49 12.60
C SER A 192 -24.19 23.70 11.72
N ARG A 193 -23.11 24.18 12.33
CA ARG A 193 -21.87 24.40 11.60
C ARG A 193 -21.27 23.08 11.12
N LEU A 194 -21.35 22.05 11.94
CA LEU A 194 -20.83 20.73 11.59
C LEU A 194 -21.54 20.18 10.36
N LEU A 195 -22.86 20.22 10.36
CA LEU A 195 -23.64 19.64 9.27
C LEU A 195 -23.48 20.44 7.97
N ARG A 196 -23.24 21.75 8.10
CA ARG A 196 -22.97 22.57 6.92
C ARG A 196 -21.59 22.26 6.33
N GLU A 197 -20.59 22.09 7.19
CA GLU A 197 -19.25 21.70 6.73
C GLU A 197 -19.29 20.30 6.12
N LEU A 198 -20.05 19.41 6.74
CA LEU A 198 -20.15 18.03 6.29
C LEU A 198 -20.76 17.93 4.90
N GLU A 199 -21.79 18.72 4.63
CA GLU A 199 -22.40 18.75 3.31
C GLU A 199 -21.39 19.14 2.23
N ALA A 200 -20.61 20.18 2.50
CA ALA A 200 -19.61 20.66 1.55
C ALA A 200 -18.55 19.60 1.25
N ARG A 201 -18.09 18.92 2.29
CA ARG A 201 -17.04 17.92 2.12
C ARG A 201 -17.54 16.67 1.39
N ILE A 202 -18.80 16.32 1.62
CA ILE A 202 -19.40 15.17 0.93
C ILE A 202 -19.53 15.47 -0.57
N ILE A 203 -19.94 16.70 -0.89
CA ILE A 203 -20.04 17.13 -2.28
C ILE A 203 -18.67 17.10 -2.95
N GLN A 204 -17.65 17.57 -2.24
CA GLN A 204 -16.28 17.53 -2.74
C GLN A 204 -15.81 16.10 -3.00
N TRP A 205 -16.09 15.21 -2.05
CA TRP A 205 -15.74 13.79 -2.18
C TRP A 205 -16.40 13.19 -3.41
N ARG A 206 -17.69 13.46 -3.56
CA ARG A 206 -18.48 12.90 -4.66
C ARG A 206 -17.95 13.34 -6.02
N ASN A 207 -17.34 14.52 -6.07
CA ASN A 207 -16.84 15.06 -7.33
C ASN A 207 -15.32 14.99 -7.46
N ALA A 208 -14.69 14.22 -6.57
CA ALA A 208 -13.25 14.00 -6.58
C ALA A 208 -12.46 15.31 -6.58
N ASN A 209 -12.94 16.28 -5.81
CA ASN A 209 -12.29 17.58 -5.73
C ASN A 209 -10.93 17.48 -5.06
N PRO A 210 -9.88 17.95 -5.74
CA PRO A 210 -8.49 17.92 -5.25
C PRO A 210 -8.32 18.64 -3.92
N GLN A 211 -9.19 19.61 -3.63
CA GLN A 211 -9.05 20.41 -2.42
C GLN A 211 -9.31 19.59 -1.16
N LEU A 212 -10.10 18.53 -1.29
CA LEU A 212 -10.40 17.65 -0.15
C LEU A 212 -9.13 17.02 0.39
N ALA A 213 -8.34 16.42 -0.51
CA ALA A 213 -7.09 15.79 -0.13
C ALA A 213 -6.07 16.82 0.35
N ALA A 214 -6.05 17.99 -0.29
CA ALA A 214 -5.12 19.05 0.09
C ALA A 214 -5.45 19.58 1.47
N ASP A 215 -6.74 19.77 1.75
CA ASP A 215 -7.17 20.28 3.03
C ASP A 215 -6.92 19.26 4.14
N TYR A 216 -7.07 17.98 3.83
CA TYR A 216 -6.79 16.94 4.80
C TYR A 216 -5.32 16.94 5.20
N ARG A 217 -4.45 16.99 4.20
CA ARG A 217 -3.01 16.99 4.45
C ARG A 217 -2.59 18.18 5.30
N ALA A 218 -3.24 19.31 5.09
CA ALA A 218 -2.93 20.53 5.82
C ALA A 218 -3.24 20.41 7.31
N ARG A 219 -4.17 19.53 7.66
CA ARG A 219 -4.59 19.40 9.06
C ARG A 219 -4.16 18.07 9.66
N SER A 220 -3.34 17.31 8.93
CA SER A 220 -2.91 16.00 9.39
C SER A 220 -1.83 16.08 10.46
N LEU A 221 -2.09 15.46 11.60
CA LEU A 221 -1.10 15.35 12.67
C LEU A 221 -0.21 14.13 12.45
N THR A 222 -0.66 13.22 11.61
CA THR A 222 0.01 11.94 11.41
C THR A 222 1.13 12.03 10.36
N ILE A 223 0.84 12.68 9.24
CA ILE A 223 1.83 12.82 8.17
C ILE A 223 3.08 13.53 8.67
N GLY A 224 4.23 12.88 8.51
CA GLY A 224 5.50 13.44 8.93
C GLY A 224 5.92 12.99 10.32
N SER A 225 5.06 12.24 11.00
CA SER A 225 5.33 11.81 12.36
CA SER A 225 5.32 11.80 12.36
C SER A 225 5.78 10.35 12.43
N ARG A 226 6.60 10.04 13.44
CA ARG A 226 6.95 8.66 13.72
C ARG A 226 5.75 8.01 14.36
N VAL A 227 5.33 6.85 13.84
CA VAL A 227 4.14 6.21 14.36
C VAL A 227 4.31 4.71 14.60
N ARG A 228 3.54 4.19 15.55
CA ARG A 228 3.32 2.76 15.66
C ARG A 228 1.90 2.48 15.22
N VAL A 229 1.75 1.66 14.19
CA VAL A 229 0.42 1.35 13.67
C VAL A 229 0.02 -0.07 14.05
N GLU A 230 -1.04 -0.20 14.83
CA GLU A 230 -1.55 -1.52 15.18
C GLU A 230 -2.51 -2.00 14.12
N LEU A 231 -2.11 -3.05 13.42
CA LEU A 231 -2.90 -3.59 12.32
C LEU A 231 -4.01 -4.49 12.84
N PRO A 232 -5.08 -4.67 12.04
CA PRO A 232 -6.08 -5.69 12.37
C PRO A 232 -5.41 -7.05 12.50
N GLY A 233 -5.71 -7.78 13.58
CA GLY A 233 -5.06 -9.05 13.83
C GLY A 233 -3.99 -8.96 14.91
N GLY A 234 -3.65 -7.75 15.32
CA GLY A 234 -2.78 -7.54 16.46
C GLY A 234 -1.33 -7.17 16.19
N GLN A 235 -0.91 -7.21 14.92
CA GLN A 235 0.48 -6.92 14.59
C GLN A 235 0.78 -5.41 14.62
N ASP A 236 1.98 -5.07 15.09
CA ASP A 236 2.42 -3.68 15.11
C ASP A 236 3.46 -3.43 14.03
N VAL A 237 3.38 -2.24 13.41
CA VAL A 237 4.40 -1.79 12.47
C VAL A 237 4.86 -0.39 12.84
N VAL A 238 6.17 -0.20 12.96
CA VAL A 238 6.72 1.10 13.32
C VAL A 238 7.44 1.73 12.13
N GLY A 239 7.18 3.02 11.90
CA GLY A 239 7.84 3.74 10.84
C GLY A 239 7.51 5.22 10.88
N ILE A 240 7.56 5.85 9.71
CA ILE A 240 7.23 7.27 9.59
C ILE A 240 6.15 7.46 8.53
N ALA A 241 5.02 8.05 8.93
CA ALA A 241 3.93 8.32 8.01
C ALA A 241 4.33 9.41 7.02
N ARG A 242 4.15 9.13 5.73
CA ARG A 242 4.60 10.06 4.70
C ARG A 242 3.45 10.72 3.94
N ASP A 243 2.41 9.94 3.64
CA ASP A 243 1.33 10.44 2.82
C ASP A 243 0.05 9.62 2.92
N ILE A 244 -1.01 10.13 2.29
CA ILE A 244 -2.26 9.41 2.11
C ILE A 244 -2.44 9.16 0.62
N ASP A 245 -2.80 7.94 0.22
CA ASP A 245 -2.96 7.66 -1.21
C ASP A 245 -4.38 7.95 -1.67
N ASP A 246 -4.66 7.68 -2.94
CA ASP A 246 -5.94 8.03 -3.55
C ASP A 246 -7.10 7.18 -3.03
N GLN A 247 -6.80 6.16 -2.23
CA GLN A 247 -7.84 5.35 -1.61
C GLN A 247 -8.01 5.71 -0.14
N GLY A 248 -7.26 6.72 0.31
CA GLY A 248 -7.33 7.16 1.69
C GLY A 248 -6.50 6.30 2.62
N ARG A 249 -5.59 5.53 2.05
CA ARG A 249 -4.75 4.64 2.84
C ARG A 249 -3.47 5.33 3.31
N LEU A 250 -2.95 4.88 4.44
CA LEU A 250 -1.76 5.51 5.03
C LEU A 250 -0.47 4.93 4.48
N CYS A 251 0.37 5.81 3.94
CA CYS A 251 1.66 5.40 3.39
C CYS A 251 2.76 5.50 4.45
N LEU A 252 3.34 4.36 4.80
CA LEU A 252 4.38 4.32 5.81
C LEU A 252 5.78 4.13 5.21
N ASP A 253 6.75 4.85 5.75
CA ASP A 253 8.15 4.59 5.45
C ASP A 253 8.75 3.72 6.54
N VAL A 254 9.07 2.48 6.20
CA VAL A 254 9.67 1.57 7.15
C VAL A 254 11.10 1.25 6.73
N GLY A 255 12.03 2.09 7.20
CA GLY A 255 13.45 1.92 6.91
C GLY A 255 13.77 1.89 5.43
N GLY A 256 13.03 2.70 4.65
CA GLY A 256 13.26 2.77 3.22
C GLY A 256 12.24 2.00 2.41
N ARG A 257 11.48 1.13 3.08
CA ARG A 257 10.44 0.35 2.40
C ARG A 257 9.09 1.00 2.61
N THR A 258 8.24 0.94 1.59
CA THR A 258 6.91 1.54 1.68
C THR A 258 5.86 0.51 2.08
N VAL A 259 5.14 0.82 3.15
CA VAL A 259 4.05 -0.04 3.61
C VAL A 259 2.74 0.75 3.60
N VAL A 260 1.78 0.29 2.81
CA VAL A 260 0.50 0.97 2.69
C VAL A 260 -0.56 0.29 3.56
N VAL A 261 -1.13 1.06 4.48
CA VAL A 261 -2.07 0.52 5.45
C VAL A 261 -3.49 1.02 5.18
N SER A 262 -4.43 0.10 4.99
CA SER A 262 -5.81 0.47 4.69
C SER A 262 -6.62 0.67 5.97
N ALA A 263 -6.22 -0.01 7.04
CA ALA A 263 -6.92 0.08 8.31
C ALA A 263 -5.97 -0.21 9.46
N GLY A 264 -6.15 0.52 10.57
CA GLY A 264 -5.32 0.31 11.74
C GLY A 264 -5.41 1.46 12.72
N ASP A 265 -4.85 1.27 13.90
CA ASP A 265 -4.82 2.30 14.93
C ASP A 265 -3.44 2.94 14.99
N VAL A 266 -3.41 4.26 14.92
CA VAL A 266 -2.14 4.99 14.90
C VAL A 266 -1.78 5.55 16.26
N VAL A 267 -0.54 5.32 16.68
CA VAL A 267 0.00 5.98 17.85
C VAL A 267 1.18 6.85 17.45
N HIS A 268 1.05 8.16 17.64
CA HIS A 268 2.13 9.10 17.35
C HIS A 268 3.24 8.92 18.38
N LEU A 269 4.47 8.78 17.89
CA LEU A 269 5.61 8.51 18.78
C LEU A 269 6.48 9.74 18.98
N ARG A 270 7.39 9.65 19.94
CA ARG A 270 8.30 10.75 20.27
C ARG A 270 9.19 11.13 19.08
N ARG B 8 33.64 -29.92 -11.25
CA ARG B 8 32.68 -29.25 -12.10
C ARG B 8 33.38 -28.36 -13.13
N ASP B 9 34.70 -28.26 -13.01
CA ASP B 9 35.50 -27.45 -13.93
C ASP B 9 35.39 -27.99 -15.36
N ARG B 10 35.22 -29.29 -15.47
CA ARG B 10 35.10 -29.96 -16.78
C ARG B 10 33.79 -29.62 -17.46
N LEU B 11 32.80 -29.16 -16.69
CA LEU B 11 31.49 -28.85 -17.22
C LEU B 11 31.31 -27.36 -17.49
N ARG B 12 32.41 -26.62 -17.48
CA ARG B 12 32.34 -25.18 -17.65
C ARG B 12 33.21 -24.63 -18.80
N PRO B 13 32.83 -24.94 -20.05
CA PRO B 13 33.50 -24.27 -21.17
C PRO B 13 33.10 -22.80 -21.22
N PRO B 14 33.94 -21.93 -21.80
CA PRO B 14 33.61 -20.51 -21.89
C PRO B 14 32.47 -20.24 -22.86
N LEU B 15 31.86 -19.06 -22.75
CA LEU B 15 30.80 -18.66 -23.66
C LEU B 15 31.36 -18.28 -25.03
N ASP B 16 30.63 -18.65 -26.08
CA ASP B 16 31.00 -18.31 -27.45
C ASP B 16 30.33 -17.00 -27.86
N GLU B 17 31.08 -15.91 -27.77
CA GLU B 17 30.53 -14.58 -28.06
C GLU B 17 30.07 -14.45 -29.50
N ARG B 18 30.89 -14.91 -30.44
CA ARG B 18 30.55 -14.81 -31.85
C ARG B 18 29.29 -15.60 -32.19
N SER B 19 29.16 -16.78 -31.59
CA SER B 19 27.99 -17.62 -31.80
C SER B 19 26.72 -16.97 -31.29
N LEU B 20 26.82 -16.34 -30.11
CA LEU B 20 25.68 -15.62 -29.54
C LEU B 20 25.26 -14.46 -30.43
N ARG B 21 26.25 -13.73 -30.94
CA ARG B 21 25.98 -12.61 -31.83
C ARG B 21 25.28 -13.05 -33.12
N ASP B 22 25.79 -14.12 -33.73
CA ASP B 22 25.24 -14.64 -34.97
C ASP B 22 23.78 -15.10 -34.79
N GLN B 23 23.50 -15.67 -33.63
CA GLN B 23 22.18 -16.22 -33.36
C GLN B 23 21.16 -15.15 -32.98
N LEU B 24 21.63 -14.10 -32.31
CA LEU B 24 20.72 -13.16 -31.65
C LEU B 24 20.70 -11.74 -32.23
N ILE B 25 21.87 -11.19 -32.50
CA ILE B 25 21.98 -9.75 -32.76
C ILE B 25 21.58 -9.37 -34.19
N GLY B 26 20.40 -8.76 -34.31
CA GLY B 26 19.85 -8.40 -35.61
C GLY B 26 19.27 -9.60 -36.34
N ALA B 27 19.25 -10.75 -35.67
CA ALA B 27 18.81 -11.99 -36.29
C ALA B 27 17.61 -12.58 -35.55
N GLY B 28 17.87 -13.48 -34.61
CA GLY B 28 16.83 -14.15 -33.86
C GLY B 28 16.24 -13.34 -32.72
N SER B 29 16.65 -12.07 -32.62
CA SER B 29 16.15 -11.19 -31.57
C SER B 29 16.29 -9.73 -31.97
N GLY B 30 15.67 -8.85 -31.17
CA GLY B 30 15.76 -7.42 -31.39
C GLY B 30 16.91 -6.76 -30.66
N TRP B 31 17.65 -7.54 -29.88
CA TRP B 31 18.87 -7.05 -29.22
C TRP B 31 19.85 -6.57 -30.28
N ARG B 32 20.48 -5.43 -30.04
CA ARG B 32 21.27 -4.78 -31.08
C ARG B 32 22.78 -4.76 -30.81
N GLN B 33 23.18 -5.19 -29.62
CA GLN B 33 24.60 -5.30 -29.28
C GLN B 33 24.81 -6.30 -28.17
N LEU B 34 25.85 -7.13 -28.31
CA LEU B 34 26.16 -8.14 -27.31
C LEU B 34 27.66 -8.25 -27.09
N ASP B 35 28.07 -8.18 -25.83
CA ASP B 35 29.47 -8.35 -25.48
C ASP B 35 29.63 -9.32 -24.32
N VAL B 36 30.63 -10.19 -24.43
CA VAL B 36 31.01 -11.07 -23.33
C VAL B 36 32.37 -10.64 -22.80
N VAL B 37 32.45 -10.38 -21.50
CA VAL B 37 33.72 -10.05 -20.87
C VAL B 37 34.12 -11.16 -19.90
N ALA B 38 35.42 -11.36 -19.73
CA ALA B 38 35.91 -12.42 -18.88
C ALA B 38 35.65 -12.12 -17.41
N GLN B 39 35.80 -10.85 -17.03
CA GLN B 39 35.65 -10.46 -15.63
C GLN B 39 35.36 -8.97 -15.51
N THR B 40 34.48 -8.62 -14.57
CA THR B 40 34.15 -7.23 -14.29
C THR B 40 33.65 -7.12 -12.86
N GLY B 41 33.41 -5.91 -12.40
CA GLY B 41 32.85 -5.70 -11.07
C GLY B 41 31.39 -6.11 -11.05
N SER B 42 30.60 -5.43 -11.87
CA SER B 42 29.18 -5.73 -11.99
C SER B 42 28.67 -5.33 -13.37
N THR B 43 28.00 -6.26 -14.05
CA THR B 43 27.44 -5.99 -15.36
C THR B 43 26.38 -4.89 -15.27
N ASN B 44 25.66 -4.85 -14.16
CA ASN B 44 24.69 -3.79 -13.92
C ASN B 44 25.40 -2.44 -13.82
N ALA B 45 26.47 -2.40 -13.03
CA ALA B 45 27.25 -1.18 -12.86
C ALA B 45 27.81 -0.69 -14.19
N ASP B 46 28.25 -1.62 -15.02
CA ASP B 46 28.87 -1.27 -16.30
C ASP B 46 27.89 -0.61 -17.27
N LEU B 47 26.69 -1.18 -17.39
CA LEU B 47 25.69 -0.61 -18.29
C LEU B 47 25.18 0.73 -17.76
N LEU B 48 25.04 0.83 -16.44
CA LEU B 48 24.64 2.09 -15.82
C LEU B 48 25.67 3.18 -16.13
N ALA B 49 26.95 2.81 -16.06
CA ALA B 49 28.03 3.74 -16.34
C ALA B 49 28.02 4.18 -17.81
N ARG B 50 27.69 3.25 -18.70
CA ARG B 50 27.57 3.57 -20.12
C ARG B 50 26.49 4.62 -20.34
N ALA B 51 25.33 4.41 -19.71
CA ALA B 51 24.22 5.34 -19.81
C ALA B 51 24.61 6.71 -19.27
N ALA B 52 25.29 6.71 -18.12
CA ALA B 52 25.70 7.95 -17.48
C ALA B 52 26.69 8.74 -18.35
N SER B 53 27.43 8.03 -19.20
CA SER B 53 28.39 8.67 -20.09
C SER B 53 27.72 9.21 -21.35
N GLY B 54 26.44 8.89 -21.53
CA GLY B 54 25.68 9.41 -22.64
C GLY B 54 25.39 8.39 -23.74
N ALA B 55 25.79 7.15 -23.52
CA ALA B 55 25.52 6.09 -24.49
C ALA B 55 24.10 5.56 -24.34
N ASP B 56 23.42 5.38 -25.46
CA ASP B 56 22.10 4.76 -25.45
C ASP B 56 22.26 3.26 -25.26
N ILE B 57 21.69 2.73 -24.19
CA ILE B 57 21.88 1.31 -23.87
C ILE B 57 20.66 0.45 -24.14
N ASP B 58 19.64 1.03 -24.77
CA ASP B 58 18.46 0.25 -25.14
C ASP B 58 18.82 -0.84 -26.13
N GLY B 59 18.49 -2.08 -25.80
CA GLY B 59 18.75 -3.21 -26.66
C GLY B 59 20.18 -3.72 -26.57
N VAL B 60 20.92 -3.23 -25.58
CA VAL B 60 22.32 -3.61 -25.41
C VAL B 60 22.46 -4.72 -24.36
N VAL B 61 23.27 -5.73 -24.69
CA VAL B 61 23.48 -6.89 -23.82
C VAL B 61 24.93 -7.00 -23.36
N LEU B 62 25.12 -7.22 -22.06
CA LEU B 62 26.46 -7.44 -21.51
C LEU B 62 26.49 -8.69 -20.65
N ILE B 63 27.39 -9.61 -20.98
CA ILE B 63 27.52 -10.87 -20.25
C ILE B 63 28.93 -11.01 -19.68
N ALA B 64 29.03 -11.47 -18.43
CA ALA B 64 30.33 -11.67 -17.80
C ALA B 64 30.53 -13.10 -17.33
N GLU B 65 31.73 -13.63 -17.53
CA GLU B 65 32.06 -14.96 -17.05
C GLU B 65 32.19 -15.00 -15.52
N HIS B 66 32.47 -13.85 -14.94
CA HIS B 66 32.74 -13.73 -13.51
C HIS B 66 32.57 -12.28 -13.12
N GLN B 67 32.14 -12.08 -11.89
CA GLN B 67 31.70 -10.76 -11.47
C GLN B 67 32.57 -10.66 -10.22
N THR B 68 33.23 -9.55 -9.92
CA THR B 68 33.93 -9.57 -8.60
C THR B 68 33.23 -8.73 -7.54
N ALA B 69 32.32 -7.87 -7.97
CA ALA B 69 31.58 -6.98 -7.08
C ALA B 69 30.09 -7.03 -7.40
N GLY B 70 29.53 -8.24 -7.44
CA GLY B 70 28.13 -8.44 -7.77
C GLY B 70 27.16 -7.70 -6.87
N ARG B 71 26.04 -7.26 -7.44
CA ARG B 71 25.03 -6.52 -6.70
C ARG B 71 23.76 -7.35 -6.51
N GLY B 72 23.25 -7.35 -5.28
CA GLY B 72 21.93 -7.89 -5.00
C GLY B 72 21.02 -6.73 -4.71
N ARG B 73 19.76 -6.99 -4.38
CA ARG B 73 18.85 -5.89 -4.08
C ARG B 73 19.07 -5.40 -2.64
N HIS B 74 18.71 -4.15 -2.38
CA HIS B 74 18.77 -3.56 -1.06
C HIS B 74 20.17 -3.56 -0.46
N GLY B 75 21.16 -3.30 -1.31
CA GLY B 75 22.54 -3.19 -0.86
C GLY B 75 23.23 -4.51 -0.62
N ARG B 76 22.52 -5.61 -0.86
CA ARG B 76 23.11 -6.93 -0.71
C ARG B 76 24.01 -7.23 -1.90
N GLY B 77 24.72 -8.35 -1.84
CA GLY B 77 25.64 -8.72 -2.89
C GLY B 77 25.16 -9.90 -3.71
N TRP B 78 25.98 -10.28 -4.69
CA TRP B 78 25.73 -11.47 -5.49
C TRP B 78 27.05 -12.18 -5.74
N ALA B 79 27.13 -13.46 -5.37
CA ALA B 79 28.37 -14.21 -5.50
C ALA B 79 28.34 -15.12 -6.72
N ALA B 80 29.50 -15.37 -7.30
CA ALA B 80 29.59 -16.22 -8.47
C ALA B 80 30.98 -16.83 -8.65
N THR B 81 31.02 -18.10 -9.03
CA THR B 81 32.25 -18.74 -9.47
C THR B 81 32.36 -18.53 -10.97
N ALA B 82 33.58 -18.34 -11.47
CA ALA B 82 33.79 -18.09 -12.89
C ALA B 82 33.18 -19.19 -13.76
N ARG B 83 32.42 -18.75 -14.78
CA ARG B 83 31.82 -19.64 -15.77
CA ARG B 83 31.81 -19.63 -15.77
C ARG B 83 30.78 -20.59 -15.18
N ALA B 84 30.40 -20.37 -13.92
CA ALA B 84 29.42 -21.24 -13.27
C ALA B 84 27.99 -20.74 -13.46
N GLN B 85 27.86 -19.48 -13.85
CA GLN B 85 26.55 -18.88 -14.03
C GLN B 85 26.40 -18.24 -15.40
N ILE B 86 25.16 -17.92 -15.74
CA ILE B 86 24.91 -16.95 -16.80
C ILE B 86 24.69 -15.62 -16.11
N ILE B 87 25.64 -14.72 -16.32
CA ILE B 87 25.63 -13.43 -15.66
C ILE B 87 25.46 -12.32 -16.68
N LEU B 88 24.29 -11.70 -16.74
CA LEU B 88 24.06 -10.71 -17.78
C LEU B 88 23.23 -9.52 -17.33
N SER B 89 23.40 -8.41 -18.04
CA SER B 89 22.55 -7.25 -17.88
C SER B 89 22.10 -6.78 -19.25
N VAL B 90 20.87 -6.29 -19.33
CA VAL B 90 20.37 -5.73 -20.58
C VAL B 90 19.84 -4.31 -20.33
N GLY B 91 19.96 -3.45 -21.35
CA GLY B 91 19.45 -2.10 -21.24
C GLY B 91 18.06 -1.97 -21.86
N VAL B 92 17.19 -1.26 -21.17
CA VAL B 92 15.80 -1.10 -21.60
C VAL B 92 15.32 0.35 -21.49
N ARG B 93 14.91 0.94 -22.60
CA ARG B 93 14.30 2.27 -22.56
C ARG B 93 12.88 2.18 -21.99
N VAL B 94 12.61 2.95 -20.94
CA VAL B 94 11.36 2.82 -20.21
C VAL B 94 10.58 4.13 -20.08
N VAL B 95 11.15 5.22 -20.60
CA VAL B 95 10.61 6.55 -20.37
C VAL B 95 9.20 6.73 -20.96
N ASP B 96 8.87 5.96 -21.99
CA ASP B 96 7.58 6.09 -22.65
C ASP B 96 6.54 5.15 -22.02
N VAL B 97 6.95 4.47 -20.95
CA VAL B 97 6.03 3.66 -20.16
C VAL B 97 5.78 4.34 -18.82
N PRO B 98 4.50 4.44 -18.41
CA PRO B 98 4.08 4.98 -17.11
C PRO B 98 4.98 4.50 -15.96
N VAL B 99 5.49 5.45 -15.19
CA VAL B 99 6.49 5.18 -14.15
C VAL B 99 6.03 4.14 -13.13
N GLN B 100 4.73 4.17 -12.81
CA GLN B 100 4.16 3.24 -11.84
C GLN B 100 4.23 1.79 -12.29
N ALA B 101 4.52 1.56 -13.57
CA ALA B 101 4.55 0.20 -14.11
C ALA B 101 5.96 -0.37 -14.19
N TRP B 102 6.97 0.46 -13.90
CA TRP B 102 8.36 0.03 -14.02
C TRP B 102 8.70 -1.13 -13.10
N GLY B 103 8.00 -1.23 -11.98
CA GLY B 103 8.23 -2.29 -11.02
C GLY B 103 7.95 -3.68 -11.57
N TRP B 104 7.22 -3.75 -12.67
CA TRP B 104 6.85 -5.02 -13.27
C TRP B 104 7.92 -5.59 -14.19
N LEU B 105 8.94 -4.79 -14.49
CA LEU B 105 10.02 -5.23 -15.37
C LEU B 105 10.82 -6.36 -14.74
N SER B 106 11.12 -6.23 -13.45
CA SER B 106 11.87 -7.25 -12.74
C SER B 106 11.09 -8.55 -12.66
N LEU B 107 9.78 -8.43 -12.46
CA LEU B 107 8.89 -9.58 -12.40
C LEU B 107 8.83 -10.27 -13.75
N ALA B 108 8.78 -9.48 -14.82
CA ALA B 108 8.76 -10.01 -16.18
C ALA B 108 10.02 -10.80 -16.48
N ALA B 109 11.16 -10.32 -15.98
CA ALA B 109 12.44 -10.97 -16.21
C ALA B 109 12.50 -12.32 -15.50
N GLY B 110 11.88 -12.40 -14.33
CA GLY B 110 11.83 -13.64 -13.57
C GLY B 110 11.07 -14.71 -14.34
N LEU B 111 9.98 -14.28 -14.97
CA LEU B 111 9.17 -15.15 -15.82
C LEU B 111 9.99 -15.68 -16.99
N ALA B 112 10.79 -14.81 -17.60
CA ALA B 112 11.64 -15.19 -18.73
C ALA B 112 12.66 -16.25 -18.33
N VAL B 113 13.28 -16.06 -17.16
CA VAL B 113 14.25 -17.03 -16.66
C VAL B 113 13.61 -18.39 -16.45
N LEU B 114 12.43 -18.38 -15.83
CA LEU B 114 11.69 -19.61 -15.55
C LEU B 114 11.36 -20.36 -16.83
N ASP B 115 10.87 -19.63 -17.83
CA ASP B 115 10.53 -20.24 -19.11
C ASP B 115 11.75 -20.74 -19.87
N SER B 116 12.89 -20.08 -19.67
CA SER B 116 14.11 -20.44 -20.39
CA SER B 116 14.11 -20.44 -20.39
C SER B 116 14.65 -21.80 -19.95
N VAL B 117 14.51 -22.10 -18.67
CA VAL B 117 15.04 -23.35 -18.12
C VAL B 117 13.98 -24.44 -18.05
N ALA B 118 12.74 -24.10 -18.39
CA ALA B 118 11.60 -25.01 -18.27
C ALA B 118 11.79 -26.35 -19.00
N PRO B 119 12.20 -26.34 -20.29
CA PRO B 119 12.30 -27.64 -20.94
C PRO B 119 13.59 -28.40 -20.60
N LEU B 120 14.34 -27.90 -19.62
CA LEU B 120 15.59 -28.54 -19.22
C LEU B 120 15.43 -29.46 -18.03
N ILE B 121 14.57 -29.07 -17.09
CA ILE B 121 14.50 -29.75 -15.80
C ILE B 121 13.34 -30.73 -15.73
N ALA B 122 13.63 -31.95 -15.30
CA ALA B 122 12.60 -32.98 -15.14
C ALA B 122 11.89 -32.81 -13.80
N VAL B 123 11.04 -31.77 -13.71
CA VAL B 123 10.34 -31.46 -12.47
C VAL B 123 9.14 -30.56 -12.75
N ALA B 126 6.22 -28.14 -9.75
CA ALA B 126 5.33 -27.66 -8.70
C ALA B 126 6.13 -26.99 -7.59
N GLU B 127 7.36 -27.47 -7.38
CA GLU B 127 8.27 -26.87 -6.40
C GLU B 127 8.97 -25.68 -7.05
N THR B 128 8.59 -25.40 -8.29
CA THR B 128 9.30 -24.45 -9.14
C THR B 128 8.40 -23.28 -9.52
N GLY B 129 8.95 -22.08 -9.47
CA GLY B 129 8.18 -20.89 -9.80
C GLY B 129 8.84 -19.62 -9.31
N LEU B 130 8.03 -18.58 -9.11
CA LEU B 130 8.57 -17.27 -8.76
C LEU B 130 8.22 -16.87 -7.32
N LYS B 131 9.24 -16.47 -6.59
CA LYS B 131 9.07 -15.96 -5.23
C LYS B 131 9.28 -14.45 -5.24
N TRP B 132 8.23 -13.72 -4.89
CA TRP B 132 8.25 -12.26 -4.91
C TRP B 132 9.32 -11.70 -3.97
N PRO B 133 10.09 -10.69 -4.43
CA PRO B 133 10.01 -10.07 -5.75
C PRO B 133 11.22 -10.28 -6.66
N ASN B 134 12.25 -10.99 -6.21
CA ASN B 134 13.49 -11.10 -6.98
C ASN B 134 13.93 -12.52 -7.31
N ASP B 135 13.12 -13.52 -6.96
CA ASP B 135 13.62 -14.89 -6.92
C ASP B 135 12.97 -15.87 -7.90
N VAL B 136 13.82 -16.69 -8.52
CA VAL B 136 13.37 -17.86 -9.28
C VAL B 136 13.73 -19.12 -8.49
N LEU B 137 12.72 -19.87 -8.06
CA LEU B 137 12.96 -21.05 -7.24
C LEU B 137 12.74 -22.36 -7.99
N ALA B 138 13.49 -23.38 -7.58
CA ALA B 138 13.28 -24.75 -8.05
C ALA B 138 13.66 -25.70 -6.92
N ARG B 139 12.72 -26.57 -6.54
CA ARG B 139 12.85 -27.42 -5.36
C ARG B 139 13.19 -26.60 -4.11
N GLY B 140 12.58 -25.42 -4.02
CA GLY B 140 12.75 -24.56 -2.85
C GLY B 140 14.08 -23.82 -2.81
N GLY B 141 14.96 -24.12 -3.75
CA GLY B 141 16.26 -23.47 -3.81
C GLY B 141 16.27 -22.30 -4.77
N LYS B 142 17.11 -21.31 -4.50
CA LYS B 142 17.18 -20.12 -5.35
C LYS B 142 18.03 -20.39 -6.58
N LEU B 143 17.37 -20.51 -7.73
CA LEU B 143 18.02 -20.83 -9.00
C LEU B 143 18.57 -19.57 -9.69
N ALA B 144 17.91 -18.44 -9.46
CA ALA B 144 18.32 -17.20 -10.11
C ALA B 144 17.86 -15.97 -9.34
N GLY B 145 18.65 -14.90 -9.43
CA GLY B 145 18.30 -13.63 -8.82
C GLY B 145 18.20 -12.53 -9.85
N ILE B 146 17.23 -11.64 -9.68
CA ILE B 146 16.97 -10.56 -10.63
C ILE B 146 17.14 -9.20 -9.96
N LEU B 147 17.80 -8.28 -10.66
CA LEU B 147 17.99 -6.93 -10.14
C LEU B 147 17.78 -5.86 -11.20
N ALA B 148 16.76 -5.03 -11.01
CA ALA B 148 16.51 -3.92 -11.92
C ALA B 148 16.94 -2.60 -11.28
N GLU B 149 17.72 -1.81 -12.02
CA GLU B 149 18.19 -0.52 -11.51
C GLU B 149 17.83 0.60 -12.49
N VAL B 150 17.36 1.71 -11.95
CA VAL B 150 16.84 2.80 -12.77
C VAL B 150 17.90 3.84 -13.10
N ALA B 151 17.98 4.18 -14.38
CA ALA B 151 18.79 5.29 -14.86
C ALA B 151 18.12 5.89 -16.08
N GLN B 152 17.16 6.78 -15.83
CA GLN B 152 16.32 7.34 -16.89
C GLN B 152 17.16 7.89 -18.03
N PRO B 153 16.71 7.67 -19.28
CA PRO B 153 15.44 7.04 -19.65
C PRO B 153 15.49 5.51 -19.71
N PHE B 154 16.43 4.89 -18.99
CA PHE B 154 16.60 3.44 -19.06
C PHE B 154 16.38 2.72 -17.74
N VAL B 155 16.12 1.43 -17.84
CA VAL B 155 16.24 0.51 -16.72
C VAL B 155 17.30 -0.52 -17.09
N VAL B 156 18.25 -0.75 -16.19
CA VAL B 156 19.24 -1.80 -16.38
C VAL B 156 18.76 -3.06 -15.67
N LEU B 157 18.57 -4.13 -16.44
CA LEU B 157 17.98 -5.35 -15.94
C LEU B 157 19.02 -6.46 -15.85
N GLY B 158 19.32 -6.89 -14.62
CA GLY B 158 20.37 -7.87 -14.40
C GLY B 158 19.86 -9.23 -13.97
N VAL B 159 20.44 -10.28 -14.53
CA VAL B 159 20.06 -11.65 -14.21
C VAL B 159 21.28 -12.50 -13.85
N GLY B 160 21.21 -13.15 -12.70
CA GLY B 160 22.22 -14.11 -12.30
C GLY B 160 21.60 -15.49 -12.20
N LEU B 161 21.96 -16.37 -13.12
CA LEU B 161 21.36 -17.70 -13.18
C LEU B 161 22.39 -18.79 -12.90
N ASN B 162 22.18 -19.55 -11.83
CA ASN B 162 23.08 -20.63 -11.46
C ASN B 162 22.98 -21.83 -12.40
N VAL B 163 24.02 -22.04 -13.19
CA VAL B 163 24.03 -23.13 -14.16
C VAL B 163 24.71 -24.37 -13.59
N THR B 164 25.99 -24.25 -13.25
CA THR B 164 26.72 -25.32 -12.59
C THR B 164 27.21 -24.87 -11.22
N GLN B 165 26.70 -23.73 -10.76
CA GLN B 165 27.12 -23.12 -9.50
C GLN B 165 26.81 -23.99 -8.29
N ALA B 166 27.84 -24.34 -7.53
CA ALA B 166 27.65 -25.08 -6.29
C ALA B 166 27.18 -24.15 -5.18
N PRO B 167 26.13 -24.54 -4.44
CA PRO B 167 25.57 -23.74 -3.36
C PRO B 167 26.60 -23.36 -2.30
N GLU B 168 27.59 -24.23 -2.10
CA GLU B 168 28.61 -24.02 -1.07
C GLU B 168 29.44 -22.76 -1.33
N GLU B 169 29.47 -22.30 -2.57
CA GLU B 169 30.31 -21.17 -2.94
C GLU B 169 29.57 -19.83 -2.95
N VAL B 170 28.24 -19.86 -2.93
CA VAL B 170 27.47 -18.63 -3.08
C VAL B 170 26.46 -18.40 -1.95
N ASP B 171 25.66 -19.42 -1.65
CA ASP B 171 24.61 -19.33 -0.66
C ASP B 171 24.04 -20.71 -0.41
N PRO B 172 23.82 -21.07 0.87
CA PRO B 172 23.40 -22.43 1.17
C PRO B 172 21.95 -22.70 0.75
N ASP B 173 21.20 -21.64 0.46
CA ASP B 173 19.82 -21.78 0.01
C ASP B 173 19.75 -21.78 -1.52
N ALA B 174 20.92 -21.75 -2.16
CA ALA B 174 20.98 -21.72 -3.62
C ALA B 174 20.87 -23.10 -4.22
N THR B 175 20.53 -23.15 -5.50
CA THR B 175 20.56 -24.38 -6.28
C THR B 175 21.05 -24.04 -7.68
N SER B 176 21.26 -25.05 -8.51
CA SER B 176 21.67 -24.81 -9.88
C SER B 176 21.08 -25.86 -10.81
N LEU B 177 21.17 -25.62 -12.11
CA LEU B 177 20.67 -26.56 -13.10
C LEU B 177 21.36 -27.91 -12.95
N LEU B 178 22.67 -27.88 -12.69
CA LEU B 178 23.44 -29.11 -12.49
C LEU B 178 22.95 -29.86 -11.26
N ASP B 179 22.77 -29.14 -10.16
CA ASP B 179 22.31 -29.75 -8.91
C ASP B 179 20.86 -30.22 -9.01
N LEU B 180 20.13 -29.71 -10.00
CA LEU B 180 18.74 -30.10 -10.21
C LEU B 180 18.63 -31.30 -11.16
N GLY B 181 19.77 -31.79 -11.63
CA GLY B 181 19.79 -33.00 -12.43
C GLY B 181 20.09 -32.82 -13.91
N VAL B 182 20.31 -31.59 -14.34
CA VAL B 182 20.68 -31.35 -15.73
C VAL B 182 22.13 -31.80 -15.94
N ALA B 183 22.30 -32.90 -16.66
CA ALA B 183 23.58 -33.58 -16.79
C ALA B 183 24.73 -32.68 -17.25
N ALA B 184 24.59 -32.09 -18.43
CA ALA B 184 25.63 -31.23 -18.97
C ALA B 184 25.02 -29.97 -19.58
N PRO B 185 24.74 -28.96 -18.73
CA PRO B 185 24.07 -27.74 -19.16
C PRO B 185 24.88 -26.95 -20.19
N ASP B 186 24.23 -26.56 -21.27
CA ASP B 186 24.87 -25.79 -22.32
C ASP B 186 24.61 -24.30 -22.11
N ARG B 187 25.58 -23.59 -21.57
CA ARG B 187 25.41 -22.18 -21.23
C ARG B 187 25.10 -21.32 -22.45
N ASN B 188 25.72 -21.65 -23.59
CA ASN B 188 25.46 -20.91 -24.82
C ASN B 188 24.00 -21.03 -25.26
N ARG B 189 23.49 -22.25 -25.24
CA ARG B 189 22.11 -22.50 -25.64
C ARG B 189 21.11 -21.91 -24.66
N ILE B 190 21.43 -21.98 -23.36
CA ILE B 190 20.56 -21.43 -22.34
C ILE B 190 20.53 -19.91 -22.40
N ALA B 191 21.69 -19.29 -22.60
CA ALA B 191 21.79 -17.85 -22.67
C ALA B 191 21.06 -17.31 -23.89
N SER B 192 21.19 -18.02 -25.01
CA SER B 192 20.51 -17.64 -26.24
C SER B 192 18.98 -17.67 -26.04
N ARG B 193 18.50 -18.74 -25.43
CA ARG B 193 17.08 -18.88 -25.17
C ARG B 193 16.61 -17.83 -24.15
N LEU B 194 17.43 -17.60 -23.13
CA LEU B 194 17.11 -16.63 -22.09
C LEU B 194 16.90 -15.23 -22.68
N LEU B 195 17.79 -14.85 -23.59
CA LEU B 195 17.73 -13.51 -24.17
C LEU B 195 16.52 -13.35 -25.09
N ARG B 196 16.11 -14.44 -25.74
CA ARG B 196 14.88 -14.41 -26.54
C ARG B 196 13.65 -14.29 -25.65
N GLU B 197 13.61 -15.07 -24.57
CA GLU B 197 12.49 -15.01 -23.65
C GLU B 197 12.40 -13.65 -22.96
N LEU B 198 13.56 -13.09 -22.64
CA LEU B 198 13.62 -11.76 -22.02
C LEU B 198 13.03 -10.70 -22.93
N GLU B 199 13.39 -10.74 -24.21
CA GLU B 199 12.83 -9.78 -25.16
C GLU B 199 11.31 -9.89 -25.23
N ALA B 200 10.82 -11.13 -25.24
CA ALA B 200 9.38 -11.40 -25.33
C ALA B 200 8.63 -10.80 -24.14
N ARG B 201 9.16 -11.00 -22.94
CA ARG B 201 8.50 -10.50 -21.74
C ARG B 201 8.63 -8.98 -21.60
N ILE B 202 9.74 -8.41 -22.07
CA ILE B 202 9.92 -6.97 -22.04
C ILE B 202 8.93 -6.29 -22.97
N ILE B 203 8.72 -6.90 -24.14
CA ILE B 203 7.78 -6.35 -25.11
C ILE B 203 6.35 -6.51 -24.60
N GLN B 204 6.08 -7.62 -23.91
CA GLN B 204 4.80 -7.80 -23.23
C GLN B 204 4.58 -6.70 -22.20
N TRP B 205 5.62 -6.42 -21.43
CA TRP B 205 5.56 -5.37 -20.42
C TRP B 205 5.38 -3.99 -21.07
N ARG B 206 6.12 -3.77 -22.15
CA ARG B 206 6.10 -2.47 -22.84
CA ARG B 206 6.11 -2.48 -22.85
C ARG B 206 4.75 -2.17 -23.46
N ASN B 207 4.22 -3.11 -24.23
CA ASN B 207 2.94 -2.91 -24.91
C ASN B 207 1.75 -3.09 -23.97
N ALA B 208 2.04 -3.17 -22.68
CA ALA B 208 1.03 -3.37 -21.65
C ALA B 208 0.17 -4.60 -21.95
N ASN B 209 0.81 -5.65 -22.47
CA ASN B 209 0.14 -6.92 -22.68
C ASN B 209 -0.34 -7.44 -21.32
N PRO B 210 -1.66 -7.50 -21.13
CA PRO B 210 -2.29 -7.78 -19.83
C PRO B 210 -1.99 -9.17 -19.30
N GLN B 211 -1.55 -10.05 -20.18
CA GLN B 211 -1.27 -11.43 -19.83
C GLN B 211 -0.08 -11.55 -18.86
N LEU B 212 0.87 -10.62 -18.96
CA LEU B 212 2.07 -10.62 -18.13
C LEU B 212 1.75 -10.76 -16.64
N ALA B 213 0.81 -9.97 -16.17
CA ALA B 213 0.40 -10.02 -14.77
C ALA B 213 -0.25 -11.37 -14.46
N ALA B 214 -1.08 -11.85 -15.38
CA ALA B 214 -1.75 -13.13 -15.23
C ALA B 214 -0.74 -14.27 -15.25
N ASP B 215 0.20 -14.20 -16.18
CA ASP B 215 1.24 -15.22 -16.30
C ASP B 215 2.13 -15.28 -15.07
N TYR B 216 2.37 -14.12 -14.45
CA TYR B 216 3.18 -14.08 -13.25
C TYR B 216 2.49 -14.76 -12.09
N ARG B 217 1.22 -14.41 -11.88
CA ARG B 217 0.45 -14.97 -10.78
C ARG B 217 0.26 -16.47 -10.92
N ALA B 218 0.25 -16.94 -12.15
CA ALA B 218 0.08 -18.37 -12.43
C ALA B 218 1.29 -19.17 -11.96
N ARG B 219 2.48 -18.60 -12.10
CA ARG B 219 3.71 -19.30 -11.72
C ARG B 219 4.25 -18.80 -10.40
N SER B 220 3.47 -17.97 -9.71
CA SER B 220 3.88 -17.43 -8.42
C SER B 220 3.78 -18.48 -7.32
N LEU B 221 4.84 -18.60 -6.53
CA LEU B 221 4.85 -19.49 -5.37
C LEU B 221 4.41 -18.73 -4.12
N THR B 222 4.30 -17.41 -4.27
CA THR B 222 3.97 -16.54 -3.14
C THR B 222 2.46 -16.33 -3.01
N ILE B 223 1.80 -16.04 -4.13
CA ILE B 223 0.36 -15.80 -4.16
C ILE B 223 -0.44 -16.97 -3.58
N GLY B 224 -1.28 -16.67 -2.61
CA GLY B 224 -2.15 -17.67 -2.01
C GLY B 224 -1.57 -18.30 -0.77
N SER B 225 -0.31 -17.98 -0.48
CA SER B 225 0.38 -18.53 0.68
CA SER B 225 0.38 -18.53 0.68
C SER B 225 0.40 -17.55 1.84
N ARG B 226 0.38 -18.07 3.06
CA ARG B 226 0.59 -17.23 4.23
C ARG B 226 2.08 -16.93 4.25
N VAL B 227 2.43 -15.65 4.31
CA VAL B 227 3.84 -15.28 4.20
C VAL B 227 4.27 -14.34 5.30
N ARG B 228 5.54 -14.41 5.64
CA ARG B 228 6.17 -13.46 6.54
C ARG B 228 7.04 -12.52 5.73
N VAL B 229 6.71 -11.23 5.75
CA VAL B 229 7.48 -10.25 5.02
C VAL B 229 8.40 -9.50 5.97
N GLU B 230 9.71 -9.68 5.79
CA GLU B 230 10.69 -9.06 6.67
C GLU B 230 10.95 -7.61 6.26
N LEU B 231 10.93 -6.72 7.24
CA LEU B 231 11.15 -5.29 7.03
C LEU B 231 12.28 -4.80 7.92
N PRO B 232 12.94 -3.70 7.54
CA PRO B 232 14.01 -3.11 8.35
C PRO B 232 13.57 -2.79 9.78
N GLY B 233 14.53 -2.74 10.69
CA GLY B 233 14.23 -2.47 12.08
C GLY B 233 13.83 -3.73 12.83
N GLY B 234 14.19 -4.88 12.27
CA GLY B 234 13.90 -6.16 12.88
C GLY B 234 12.40 -6.42 12.98
N GLN B 235 11.65 -5.88 12.03
CA GLN B 235 10.20 -6.04 12.02
C GLN B 235 9.75 -7.04 10.97
N ASP B 236 8.49 -7.45 11.06
CA ASP B 236 7.92 -8.39 10.12
C ASP B 236 6.40 -8.29 10.09
N VAL B 237 5.82 -8.42 8.91
CA VAL B 237 4.38 -8.42 8.76
C VAL B 237 3.93 -9.75 8.16
N VAL B 238 3.03 -10.43 8.85
CA VAL B 238 2.52 -11.70 8.36
C VAL B 238 1.10 -11.54 7.83
N GLY B 239 0.83 -12.17 6.68
CA GLY B 239 -0.50 -12.13 6.09
C GLY B 239 -0.59 -13.08 4.91
N ILE B 240 -1.77 -13.17 4.30
CA ILE B 240 -1.94 -13.99 3.11
C ILE B 240 -1.63 -13.16 1.87
N ALA B 241 -0.69 -13.63 1.06
CA ALA B 241 -0.37 -12.97 -0.19
C ALA B 241 -1.53 -13.17 -1.18
N ARG B 242 -2.27 -12.09 -1.42
CA ARG B 242 -3.49 -12.18 -2.22
C ARG B 242 -3.26 -11.78 -3.68
N ASP B 243 -2.40 -10.80 -3.91
CA ASP B 243 -2.17 -10.31 -5.27
C ASP B 243 -0.92 -9.45 -5.40
N ILE B 244 -0.62 -9.09 -6.65
CA ILE B 244 0.41 -8.12 -6.98
C ILE B 244 -0.26 -6.94 -7.68
N ASP B 245 -0.04 -5.73 -7.20
CA ASP B 245 -0.73 -4.57 -7.78
C ASP B 245 -0.03 -4.07 -9.03
N ASP B 246 -0.54 -2.99 -9.60
CA ASP B 246 -0.03 -2.45 -10.85
C ASP B 246 1.36 -1.83 -10.72
N GLN B 247 1.85 -1.71 -9.49
CA GLN B 247 3.20 -1.21 -9.26
C GLN B 247 4.17 -2.33 -8.97
N GLY B 248 3.68 -3.57 -9.03
CA GLY B 248 4.50 -4.74 -8.74
C GLY B 248 4.67 -4.98 -7.25
N ARG B 249 3.79 -4.37 -6.46
CA ARG B 249 3.87 -4.49 -4.99
C ARG B 249 3.00 -5.63 -4.48
N LEU B 250 3.39 -6.19 -3.34
CA LEU B 250 2.68 -7.34 -2.77
C LEU B 250 1.48 -6.89 -1.95
N CYS B 251 0.30 -7.38 -2.32
CA CYS B 251 -0.92 -7.10 -1.56
C CYS B 251 -1.18 -8.22 -0.55
N LEU B 252 -1.15 -7.87 0.73
CA LEU B 252 -1.37 -8.85 1.79
C LEU B 252 -2.75 -8.72 2.43
N ASP B 253 -3.36 -9.85 2.72
CA ASP B 253 -4.52 -9.88 3.62
C ASP B 253 -4.00 -9.98 5.04
N VAL B 254 -4.12 -8.88 5.80
CA VAL B 254 -3.71 -8.89 7.20
C VAL B 254 -4.93 -8.64 8.09
N GLY B 255 -5.38 -9.71 8.77
CA GLY B 255 -6.50 -9.61 9.68
C GLY B 255 -7.80 -9.20 9.02
N GLY B 256 -7.91 -9.43 7.70
CA GLY B 256 -9.13 -9.14 6.97
C GLY B 256 -9.06 -7.87 6.14
N ARG B 257 -7.96 -7.14 6.25
CA ARG B 257 -7.80 -5.89 5.50
C ARG B 257 -6.49 -5.87 4.73
N THR B 258 -6.41 -5.03 3.71
CA THR B 258 -5.26 -5.02 2.81
C THR B 258 -4.07 -4.22 3.35
N VAL B 259 -2.90 -4.84 3.29
CA VAL B 259 -1.64 -4.14 3.52
C VAL B 259 -0.76 -4.32 2.28
N VAL B 260 -0.22 -3.23 1.76
CA VAL B 260 0.61 -3.29 0.57
C VAL B 260 2.08 -3.05 0.93
N VAL B 261 2.95 -3.91 0.42
CA VAL B 261 4.38 -3.80 0.70
C VAL B 261 5.17 -3.65 -0.60
N SER B 262 6.01 -2.61 -0.66
CA SER B 262 6.75 -2.30 -1.88
C SER B 262 7.84 -3.32 -2.18
N ALA B 263 8.59 -3.70 -1.16
CA ALA B 263 9.69 -4.63 -1.31
C ALA B 263 10.13 -5.18 0.04
N GLY B 264 10.70 -6.38 0.04
CA GLY B 264 11.16 -7.00 1.27
C GLY B 264 11.39 -8.49 1.09
N ASP B 265 12.00 -9.11 2.08
CA ASP B 265 12.28 -10.54 2.04
C ASP B 265 11.05 -11.34 2.45
N VAL B 266 10.61 -12.23 1.57
CA VAL B 266 9.44 -13.06 1.83
C VAL B 266 9.85 -14.44 2.33
N VAL B 267 9.19 -14.90 3.38
CA VAL B 267 9.32 -16.30 3.81
C VAL B 267 7.97 -16.97 3.68
N HIS B 268 7.90 -18.01 2.84
CA HIS B 268 6.67 -18.77 2.68
C HIS B 268 6.43 -19.62 3.92
N LEU B 269 5.34 -19.32 4.62
CA LEU B 269 5.02 -20.04 5.85
C LEU B 269 4.21 -21.30 5.55
N ARG B 270 4.88 -22.32 5.03
CA ARG B 270 4.24 -23.61 4.72
C ARG B 270 5.28 -24.68 4.45
CBI 594 C . -20.95 6.64 15.84
NAU 594 C . -21.05 5.35 16.50
CBA 594 C . -22.31 5.01 16.74
OAC 594 C . -22.68 4.03 17.35
NAT 594 C . -23.13 5.93 16.24
CBF 594 C . -22.41 7.09 15.77
CAO 594 C . -22.70 8.22 16.74
SAY 594 C . -21.25 8.41 17.71
CBH 594 C . -20.10 7.62 16.64
CAK 594 C . -18.97 6.93 17.39
CAI 594 C . -17.88 6.53 16.41
CAH 594 C . -16.56 6.22 17.09
CAJ 594 C . -15.49 5.85 16.08
CAZ 594 C . -14.17 5.64 16.79
OAB 594 C . -13.53 6.58 17.21
NAV 594 C . -13.77 4.38 16.93
SBK 594 C . -12.30 4.06 17.50
OAD 594 C . -11.32 4.80 16.76
OAE 594 C . -12.03 2.65 17.40
OAW 594 C . -12.26 4.50 18.98
CAN 594 C . -12.93 3.75 19.99
CBE 594 C . -12.21 3.97 21.31
OAX 594 C . -12.23 5.34 21.73
CAL 594 C . -12.80 3.17 22.46
OAL 594 C . -12.24 1.85 22.51
CAM 594 C . -12.38 3.99 23.66
F8Q 594 C . -13.16 3.78 24.77
CBG 594 C . -12.39 5.43 23.15
N9 594 C . -13.63 6.20 23.47
C8 594 C . -14.84 5.72 23.79
N7 594 C . -15.69 6.76 23.98
C5 594 C . -14.99 7.89 23.77
C4 594 C . -13.70 7.53 23.44
N3 594 C . -12.77 8.48 23.18
C2 594 C . -13.12 9.78 23.23
N1 594 C . -14.36 10.15 23.55
C6 594 C . -15.32 9.23 23.82
N6 594 C . -16.58 9.63 24.13
CBI 594 D . 22.89 -8.66 -11.37
NAU 594 D . 23.70 -8.04 -10.34
CBA 594 D . 24.84 -7.54 -10.83
OAC 594 D . 25.74 -7.05 -10.18
NAT 594 D . 24.86 -7.68 -12.15
CBF 594 D . 23.76 -8.49 -12.62
CAO 594 D . 24.30 -9.82 -13.11
SAY 594 D . 23.96 -10.98 -11.82
CBH 594 D . 22.62 -10.12 -11.06
CAK 594 D . 22.51 -10.40 -9.57
CAI 594 D . 21.13 -9.95 -9.08
CAH 594 D . 20.80 -10.48 -7.69
CAJ 594 D . 19.44 -9.98 -7.22
CAZ 594 D . 19.04 -10.67 -5.94
OAB 594 D . 18.65 -11.82 -5.94
NAV 594 D . 19.16 -9.95 -4.83
SBK 594 D . 18.67 -10.56 -3.43
OAD 594 D . 17.32 -11.04 -3.53
OAE 594 D . 18.73 -9.55 -2.40
OAW 594 D . 19.59 -11.74 -3.07
CAN 594 D . 20.91 -11.51 -2.57
CBE 594 D . 21.27 -12.64 -1.61
OAX 594 D . 21.17 -13.93 -2.26
CAL 594 D . 22.69 -12.55 -1.07
OAL 594 D . 22.75 -11.71 0.09
CAM 594 D . 22.96 -14.01 -0.73
F8Q 594 D . 24.29 -14.30 -0.61
CBG 594 D . 22.24 -14.78 -1.82
N9 594 D . 23.11 -15.13 -3.00
C8 594 D . 24.27 -14.55 -3.37
N7 594 D . 24.73 -15.15 -4.49
C5 594 D . 23.84 -16.11 -4.82
C4 594 D . 22.83 -16.08 -3.89
N3 594 D . 21.79 -16.96 -4.00
C2 594 D . 21.76 -17.83 -5.01
N1 594 D . 22.73 -17.88 -5.92
C6 594 D . 23.78 -17.03 -5.86
N6 594 D . 24.76 -17.09 -6.80
#